data_4QMX
#
_entry.id   4QMX
#
_cell.length_a   47.551
_cell.length_b   55.119
_cell.length_c   60.640
_cell.angle_alpha   90.00
_cell.angle_beta   111.58
_cell.angle_gamma   90.00
#
_symmetry.space_group_name_H-M   'P 1 21 1'
#
loop_
_entity.id
_entity.type
_entity.pdbx_description
1 polymer 'SERINE/THREONINE-PROTEIN KINASE 24'
2 non-polymer N-(5-CHLORO-1,3-BENZODIOXOL-4-YL)-7-[2-(4-METHYLPIPERAZIN-1-YL)ETHOXY]-5-(TETRAHYDRO-2H-PYRAN-4-YLOXY)QUINAZOLIN-4-AMINE
3 water water
#
_entity_poly.entity_id   1
_entity_poly.type   'polypeptide(L)'
_entity_poly.pdbx_seq_one_letter_code
;GPLGSEFMAHSPVQSGLPGMQNLKADPEELFTKLEKIGKGSFGEVFKGIDNRTQKVVAIKIIDLEEAEDEIEDIQQEITV
LSQCDSPYVTKYYGSYLKDTKLWIIMEYLGGGSALDLLEPGPLDETQIATILREILKGLDYLHSEKKIHRDIKAANVLLS
EHGEVKLADFGVAGQLTDTQIKRN(TPO)FVGTPFWMAPEVIKQSAYDSKADIWSLGITAIELARGEPPHSELHPMKVLF
LIPKNNPPTLEGNYSKPLKEFVEACLNKEPSFRPTAKELLKHKFILRNAKKTSYLTELIDRYKRWKAEQSHDDS
;
_entity_poly.pdbx_strand_id   A
#
# COMPACT_ATOMS: atom_id res chain seq x y z
N GLY A 19 8.77 24.27 -2.64
CA GLY A 19 8.87 23.17 -1.70
C GLY A 19 7.51 22.77 -1.14
N MET A 20 7.35 22.92 0.18
CA MET A 20 6.10 22.61 0.85
C MET A 20 5.36 23.85 1.36
N GLN A 21 4.53 24.42 0.48
CA GLN A 21 3.90 25.71 0.70
C GLN A 21 2.88 25.68 1.83
N ASN A 22 2.16 24.56 1.98
CA ASN A 22 1.04 24.54 2.91
C ASN A 22 1.38 23.90 4.26
N LEU A 23 2.65 23.93 4.65
CA LEU A 23 3.05 23.49 5.98
C LEU A 23 2.32 24.31 7.03
N LYS A 24 1.89 23.65 8.11
CA LYS A 24 1.16 24.37 9.14
C LYS A 24 1.93 24.29 10.44
N ALA A 25 1.41 24.96 11.46
CA ALA A 25 2.07 25.04 12.76
C ALA A 25 1.07 24.80 13.89
N ASP A 26 1.60 24.65 15.10
CA ASP A 26 0.78 24.47 16.30
C ASP A 26 -0.26 23.35 16.17
N PRO A 27 0.19 22.11 15.90
CA PRO A 27 -0.79 21.04 15.69
C PRO A 27 -1.65 20.73 16.92
N GLU A 28 -1.12 20.93 18.12
CA GLU A 28 -1.86 20.54 19.32
C GLU A 28 -3.01 21.50 19.63
N GLU A 29 -3.15 22.57 18.85
CA GLU A 29 -4.31 23.44 18.99
C GLU A 29 -5.49 22.79 18.27
N LEU A 30 -5.20 21.93 17.31
CA LEU A 30 -6.26 21.33 16.49
C LEU A 30 -6.43 19.84 16.78
N PHE A 31 -5.35 19.18 17.21
CA PHE A 31 -5.40 17.74 17.46
C PHE A 31 -4.92 17.37 18.85
N THR A 32 -5.44 16.27 19.38
CA THR A 32 -4.94 15.71 20.62
C THR A 32 -4.14 14.46 20.28
N LYS A 33 -2.92 14.40 20.79
CA LYS A 33 -2.07 13.24 20.56
C LYS A 33 -2.36 12.20 21.64
N LEU A 34 -2.70 10.99 21.21
CA LEU A 34 -2.98 9.89 22.13
C LEU A 34 -1.85 8.86 22.07
N GLU A 35 -2.18 7.60 22.30
CA GLU A 35 -1.15 6.57 22.49
C GLU A 35 -0.49 6.12 21.20
N LYS A 36 0.74 5.63 21.33
CA LYS A 36 1.48 5.05 20.20
C LYS A 36 0.75 3.82 19.66
N ILE A 37 0.69 3.69 18.34
CA ILE A 37 -0.02 2.57 17.74
C ILE A 37 0.80 1.86 16.67
N GLY A 38 2.06 2.25 16.54
CA GLY A 38 2.94 1.61 15.58
C GLY A 38 4.18 2.40 15.25
N LYS A 39 4.98 1.86 14.32
CA LYS A 39 6.14 2.58 13.82
C LYS A 39 6.05 2.65 12.30
N GLY A 40 6.36 3.83 11.76
CA GLY A 40 6.26 4.06 10.33
C GLY A 40 7.61 4.05 9.65
N SER A 41 8.57 3.38 10.29
CA SER A 41 9.96 3.27 9.83
C SER A 41 10.66 4.63 9.79
N PHE A 42 9.95 5.66 9.32
CA PHE A 42 10.46 7.02 9.37
C PHE A 42 10.43 7.55 10.81
N GLY A 43 9.29 7.37 11.47
CA GLY A 43 9.14 7.77 12.86
C GLY A 43 8.18 6.88 13.62
N GLU A 44 7.46 7.47 14.58
CA GLU A 44 6.43 6.73 15.32
C GLU A 44 5.04 7.16 14.87
N VAL A 45 4.07 6.27 14.98
CA VAL A 45 2.69 6.60 14.65
C VAL A 45 1.84 6.57 15.92
N PHE A 46 1.03 7.61 16.10
CA PHE A 46 0.18 7.74 17.27
C PHE A 46 -1.28 7.85 16.88
N LYS A 47 -2.17 7.32 17.70
CA LYS A 47 -3.57 7.63 17.55
C LYS A 47 -3.75 9.08 17.97
N GLY A 48 -4.77 9.73 17.43
CA GLY A 48 -5.06 11.10 17.81
C GLY A 48 -6.51 11.43 17.59
N ILE A 49 -6.92 12.61 18.06
CA ILE A 49 -8.26 13.13 17.88
C ILE A 49 -8.26 14.51 17.21
N ASP A 50 -9.08 14.67 16.18
CA ASP A 50 -9.38 15.98 15.62
C ASP A 50 -10.32 16.68 16.61
N ASN A 51 -9.84 17.70 17.30
CA ASN A 51 -10.65 18.34 18.34
C ASN A 51 -11.86 19.08 17.77
N ARG A 52 -11.89 19.26 16.46
CA ARG A 52 -13.01 19.91 15.78
C ARG A 52 -14.19 18.94 15.58
N THR A 53 -13.90 17.74 15.12
CA THR A 53 -14.95 16.81 14.74
C THR A 53 -15.04 15.61 15.69
N GLN A 54 -14.03 15.45 16.53
CA GLN A 54 -13.87 14.28 17.40
C GLN A 54 -13.65 12.98 16.59
N LYS A 55 -13.29 13.11 15.32
CA LYS A 55 -12.87 11.94 14.57
C LYS A 55 -11.47 11.54 14.99
N VAL A 56 -11.17 10.25 14.89
CA VAL A 56 -9.87 9.75 15.27
C VAL A 56 -8.93 9.89 14.07
N VAL A 57 -7.69 10.28 14.32
CA VAL A 57 -6.72 10.41 13.25
C VAL A 57 -5.49 9.59 13.56
N ALA A 58 -4.62 9.43 12.56
CA ALA A 58 -3.33 8.78 12.75
C ALA A 58 -2.25 9.84 12.56
N ILE A 59 -1.36 9.96 13.53
CA ILE A 59 -0.32 10.99 13.49
C ILE A 59 1.06 10.34 13.41
N LYS A 60 1.78 10.61 12.32
CA LYS A 60 3.15 10.16 12.22
C LYS A 60 4.10 11.29 12.60
N ILE A 61 4.87 11.07 13.65
CA ILE A 61 5.79 12.10 14.13
C ILE A 61 7.22 11.78 13.70
N ILE A 62 7.82 12.71 12.98
CA ILE A 62 9.15 12.50 12.48
C ILE A 62 10.11 13.49 13.13
N ASP A 63 11.12 12.95 13.80
CA ASP A 63 12.19 13.73 14.41
C ASP A 63 13.15 14.19 13.31
N LEU A 64 13.06 15.47 12.95
CA LEU A 64 13.84 16.02 11.85
C LEU A 64 15.33 16.10 12.17
N GLU A 65 15.62 16.14 13.47
CA GLU A 65 17.00 16.20 13.95
C GLU A 65 17.70 14.86 13.75
N GLU A 66 16.93 13.80 13.74
CA GLU A 66 17.48 12.44 13.68
C GLU A 66 17.52 11.87 12.27
N ALA A 67 16.39 11.91 11.57
CA ALA A 67 16.25 11.24 10.28
C ALA A 67 16.66 12.15 9.13
N GLU A 68 17.96 12.27 8.91
CA GLU A 68 18.54 13.37 8.14
C GLU A 68 18.58 13.21 6.62
N ASP A 69 18.82 11.99 6.13
CA ASP A 69 18.90 11.83 4.68
C ASP A 69 17.69 11.12 4.10
N GLU A 70 16.73 10.79 4.95
CA GLU A 70 15.42 10.40 4.44
C GLU A 70 14.54 11.64 4.36
N ILE A 71 15.11 12.81 4.67
CA ILE A 71 14.38 14.07 4.60
C ILE A 71 13.82 14.34 3.20
N GLU A 72 14.60 13.99 2.18
CA GLU A 72 14.13 14.14 0.81
C GLU A 72 12.98 13.17 0.53
N ASP A 73 12.97 12.02 1.21
CA ASP A 73 11.87 11.08 1.11
C ASP A 73 10.63 11.60 1.84
N ILE A 74 10.84 12.16 3.03
CA ILE A 74 9.78 12.80 3.80
C ILE A 74 9.08 13.86 2.97
N GLN A 75 9.86 14.76 2.40
CA GLN A 75 9.34 15.82 1.52
C GLN A 75 8.51 15.21 0.40
N GLN A 76 9.00 14.10 -0.12
CA GLN A 76 8.32 13.39 -1.21
C GLN A 76 6.99 12.84 -0.72
N GLU A 77 6.99 12.14 0.42
CA GLU A 77 5.76 11.58 0.97
C GLU A 77 4.69 12.66 1.15
N ILE A 78 5.08 13.78 1.76
CA ILE A 78 4.17 14.91 1.99
C ILE A 78 3.57 15.47 0.71
N THR A 79 4.44 15.67 -0.26
CA THR A 79 4.04 16.24 -1.54
C THR A 79 2.99 15.39 -2.24
N VAL A 80 3.28 14.09 -2.33
CA VAL A 80 2.38 13.16 -3.00
C VAL A 80 1.03 13.12 -2.30
N LEU A 81 1.06 13.03 -0.98
CA LEU A 81 -0.16 12.94 -0.19
C LEU A 81 -1.02 14.18 -0.35
N SER A 82 -0.38 15.35 -0.37
CA SER A 82 -1.13 16.60 -0.45
C SER A 82 -1.83 16.73 -1.80
N GLN A 83 -1.42 15.92 -2.77
CA GLN A 83 -2.02 15.98 -4.10
C GLN A 83 -3.05 14.88 -4.35
N CYS A 84 -3.21 13.96 -3.41
CA CYS A 84 -4.18 12.88 -3.58
C CYS A 84 -5.51 13.19 -2.91
N ASP A 85 -6.59 12.93 -3.65
CA ASP A 85 -7.94 13.05 -3.10
C ASP A 85 -8.81 11.90 -3.62
N SER A 86 -8.80 10.79 -2.90
CA SER A 86 -9.48 9.57 -3.33
C SER A 86 -9.91 8.75 -2.13
N PRO A 87 -11.12 8.18 -2.19
CA PRO A 87 -11.57 7.26 -1.13
C PRO A 87 -10.69 6.01 -1.02
N TYR A 88 -9.80 5.77 -2.00
CA TYR A 88 -9.01 4.55 -2.07
C TYR A 88 -7.56 4.81 -1.68
N VAL A 89 -7.31 6.03 -1.23
CA VAL A 89 -6.00 6.44 -0.75
C VAL A 89 -6.17 7.09 0.62
N THR A 90 -5.31 6.71 1.58
CA THR A 90 -5.38 7.29 2.92
C THR A 90 -5.45 8.81 2.87
N LYS A 91 -6.53 9.35 3.43
CA LYS A 91 -6.79 10.79 3.45
C LYS A 91 -5.72 11.52 4.26
N TYR A 92 -5.31 12.66 3.75
CA TYR A 92 -4.24 13.47 4.31
C TYR A 92 -4.81 14.77 4.86
N TYR A 93 -4.63 15.00 6.16
CA TYR A 93 -5.10 16.23 6.81
C TYR A 93 -4.12 17.39 6.59
N GLY A 94 -2.85 17.12 6.80
CA GLY A 94 -1.84 18.16 6.68
C GLY A 94 -0.56 17.79 7.40
N SER A 95 0.47 18.58 7.16
CA SER A 95 1.73 18.44 7.87
C SER A 95 1.94 19.66 8.75
N TYR A 96 2.42 19.41 9.97
CA TYR A 96 2.55 20.44 10.98
C TYR A 96 3.95 20.44 11.56
N LEU A 97 4.56 21.62 11.62
CA LEU A 97 5.86 21.76 12.25
C LEU A 97 5.64 22.06 13.72
N LYS A 98 6.40 21.37 14.57
CA LYS A 98 6.33 21.53 16.01
C LYS A 98 7.73 21.33 16.60
N ASP A 99 8.43 22.43 16.83
CA ASP A 99 9.84 22.40 17.24
C ASP A 99 10.70 21.62 16.24
N THR A 100 11.28 20.53 16.70
CA THR A 100 12.13 19.70 15.85
C THR A 100 11.33 18.56 15.20
N LYS A 101 10.03 18.56 15.46
CA LYS A 101 9.15 17.48 15.00
C LYS A 101 8.26 17.91 13.84
N LEU A 102 8.07 16.98 12.90
CA LEU A 102 7.06 17.14 11.87
C LEU A 102 5.93 16.17 12.15
N TRP A 103 4.71 16.69 12.24
CA TRP A 103 3.52 15.86 12.41
C TRP A 103 2.85 15.69 11.07
N ILE A 104 2.70 14.45 10.62
CA ILE A 104 1.96 14.18 9.41
C ILE A 104 0.66 13.51 9.83
N ILE A 105 -0.44 14.21 9.64
CA ILE A 105 -1.72 13.80 10.22
C ILE A 105 -2.63 13.29 9.13
N MET A 106 -3.15 12.07 9.36
CA MET A 106 -3.93 11.38 8.35
C MET A 106 -5.15 10.69 8.94
N GLU A 107 -5.97 10.12 8.09
CA GLU A 107 -7.15 9.45 8.59
C GLU A 107 -6.70 8.17 9.31
N TYR A 108 -7.42 7.84 10.37
CA TYR A 108 -7.15 6.63 11.11
C TYR A 108 -7.95 5.50 10.50
N LEU A 109 -7.33 4.35 10.25
CA LEU A 109 -8.04 3.20 9.73
C LEU A 109 -7.93 2.05 10.74
N GLY A 110 -9.06 1.69 11.33
CA GLY A 110 -9.06 0.80 12.48
C GLY A 110 -9.13 -0.69 12.23
N GLY A 111 -9.19 -1.10 10.96
CA GLY A 111 -9.42 -2.50 10.64
C GLY A 111 -8.14 -3.32 10.47
N GLY A 112 -7.00 -2.65 10.52
CA GLY A 112 -5.72 -3.33 10.37
C GLY A 112 -5.31 -3.37 8.91
N SER A 113 -4.17 -3.99 8.61
CA SER A 113 -3.73 -4.08 7.23
C SER A 113 -4.21 -5.41 6.64
N ALA A 114 -4.17 -5.51 5.32
CA ALA A 114 -4.49 -6.78 4.68
C ALA A 114 -3.56 -7.87 5.18
N LEU A 115 -2.30 -7.51 5.45
CA LEU A 115 -1.35 -8.48 5.95
C LEU A 115 -1.79 -9.02 7.32
N ASP A 116 -2.20 -8.12 8.21
CA ASP A 116 -2.79 -8.49 9.50
C ASP A 116 -3.91 -9.48 9.32
N LEU A 117 -4.79 -9.21 8.35
CA LEU A 117 -5.99 -10.01 8.19
C LEU A 117 -5.68 -11.42 7.72
N LEU A 118 -4.48 -11.59 7.16
CA LEU A 118 -3.99 -12.91 6.74
C LEU A 118 -3.50 -13.76 7.90
N GLU A 119 -3.09 -13.12 8.98
CA GLU A 119 -2.41 -13.84 10.06
C GLU A 119 -3.23 -14.98 10.70
N PRO A 120 -4.57 -14.84 10.83
CA PRO A 120 -5.27 -15.99 11.44
C PRO A 120 -5.48 -17.19 10.52
N GLY A 121 -5.27 -17.02 9.21
CA GLY A 121 -5.57 -18.10 8.30
C GLY A 121 -5.90 -17.59 6.91
N PRO A 122 -6.22 -18.52 6.01
CA PRO A 122 -6.46 -18.22 4.59
C PRO A 122 -7.69 -17.37 4.32
N LEU A 123 -7.65 -16.59 3.25
CA LEU A 123 -8.81 -15.89 2.71
C LEU A 123 -9.51 -16.79 1.73
N ASP A 124 -10.79 -16.53 1.46
CA ASP A 124 -11.44 -17.22 0.35
C ASP A 124 -11.36 -16.29 -0.87
N GLU A 125 -11.71 -16.81 -2.05
CA GLU A 125 -11.51 -16.02 -3.27
C GLU A 125 -12.42 -14.80 -3.37
N THR A 126 -13.58 -14.83 -2.71
CA THR A 126 -14.41 -13.63 -2.62
C THR A 126 -13.70 -12.51 -1.84
N GLN A 127 -13.06 -12.87 -0.74
CA GLN A 127 -12.32 -11.86 0.01
C GLN A 127 -11.10 -11.35 -0.78
N ILE A 128 -10.40 -12.27 -1.43
CA ILE A 128 -9.24 -11.89 -2.24
C ILE A 128 -9.64 -10.93 -3.36
N ALA A 129 -10.70 -11.28 -4.09
CA ALA A 129 -11.21 -10.44 -5.17
C ALA A 129 -11.68 -9.08 -4.68
N THR A 130 -12.30 -9.07 -3.51
CA THR A 130 -12.86 -7.82 -2.99
C THR A 130 -11.73 -6.85 -2.65
N ILE A 131 -10.75 -7.38 -1.96
CA ILE A 131 -9.57 -6.61 -1.59
C ILE A 131 -8.83 -6.14 -2.84
N LEU A 132 -8.58 -7.04 -3.79
CA LEU A 132 -7.89 -6.64 -5.03
C LEU A 132 -8.63 -5.56 -5.83
N ARG A 133 -9.95 -5.67 -5.92
CA ARG A 133 -10.74 -4.70 -6.67
C ARG A 133 -10.56 -3.29 -6.12
N GLU A 134 -10.52 -3.16 -4.79
CA GLU A 134 -10.36 -1.85 -4.17
C GLU A 134 -8.91 -1.35 -4.32
N ILE A 135 -7.95 -2.26 -4.25
CA ILE A 135 -6.55 -1.89 -4.52
C ILE A 135 -6.46 -1.35 -5.94
N LEU A 136 -7.09 -2.06 -6.87
CA LEU A 136 -7.14 -1.65 -8.28
C LEU A 136 -7.78 -0.26 -8.50
N LYS A 137 -8.86 0.05 -7.78
CA LYS A 137 -9.44 1.39 -7.85
C LYS A 137 -8.43 2.45 -7.38
N GLY A 138 -7.68 2.14 -6.33
CA GLY A 138 -6.60 2.99 -5.87
C GLY A 138 -5.49 3.17 -6.90
N LEU A 139 -5.10 2.08 -7.54
CA LEU A 139 -4.01 2.16 -8.52
C LEU A 139 -4.49 2.94 -9.73
N ASP A 140 -5.73 2.71 -10.13
CA ASP A 140 -6.32 3.45 -11.25
C ASP A 140 -6.25 4.95 -10.98
N TYR A 141 -6.66 5.33 -9.77
CA TYR A 141 -6.61 6.73 -9.39
C TYR A 141 -5.18 7.26 -9.46
N LEU A 142 -4.25 6.62 -8.74
CA LEU A 142 -2.87 7.07 -8.70
C LEU A 142 -2.27 7.16 -10.10
N HIS A 143 -2.50 6.12 -10.90
CA HIS A 143 -1.87 6.07 -12.22
C HIS A 143 -2.47 7.11 -13.17
N SER A 144 -3.75 7.41 -13.00
CA SER A 144 -4.38 8.49 -13.76
C SER A 144 -3.82 9.85 -13.36
N GLU A 145 -3.23 9.93 -12.17
CA GLU A 145 -2.57 11.15 -11.69
C GLU A 145 -1.07 11.13 -11.93
N LYS A 146 -0.62 10.22 -12.80
CA LYS A 146 0.80 10.06 -13.11
C LYS A 146 1.65 9.77 -11.88
N LYS A 147 1.04 9.19 -10.85
CA LYS A 147 1.78 8.75 -9.66
C LYS A 147 1.99 7.23 -9.66
N ILE A 148 3.09 6.78 -9.07
CA ILE A 148 3.39 5.36 -8.93
C ILE A 148 3.63 5.09 -7.45
N HIS A 149 2.94 4.10 -6.87
CA HIS A 149 3.08 3.84 -5.44
C HIS A 149 4.47 3.27 -5.11
N ARG A 150 4.86 2.23 -5.86
CA ARG A 150 6.16 1.57 -5.80
C ARG A 150 6.42 0.74 -4.54
N ASP A 151 5.42 0.60 -3.67
CA ASP A 151 5.56 -0.33 -2.56
C ASP A 151 4.23 -1.03 -2.26
N ILE A 152 3.59 -1.49 -3.33
CA ILE A 152 2.36 -2.25 -3.18
C ILE A 152 2.64 -3.63 -2.55
N LYS A 153 2.00 -3.88 -1.42
CA LYS A 153 2.09 -5.18 -0.72
C LYS A 153 0.98 -5.18 0.32
N ALA A 154 0.60 -6.34 0.84
CA ALA A 154 -0.55 -6.40 1.76
C ALA A 154 -0.36 -5.52 3.00
N ALA A 155 0.88 -5.36 3.45
CA ALA A 155 1.15 -4.55 4.64
C ALA A 155 0.82 -3.07 4.42
N ASN A 156 0.79 -2.63 3.16
CA ASN A 156 0.49 -1.23 2.83
C ASN A 156 -0.92 -1.03 2.28
N VAL A 157 -1.77 -2.02 2.53
CA VAL A 157 -3.20 -1.93 2.24
C VAL A 157 -3.94 -1.93 3.57
N LEU A 158 -4.53 -0.80 3.94
CA LEU A 158 -5.19 -0.65 5.25
C LEU A 158 -6.71 -0.65 5.12
N LEU A 159 -7.39 -1.17 6.13
CA LEU A 159 -8.85 -1.24 6.11
C LEU A 159 -9.47 -0.44 7.25
N SER A 160 -10.62 0.18 7.01
CA SER A 160 -11.40 0.79 8.09
C SER A 160 -12.06 -0.32 8.88
N GLU A 161 -12.63 -0.01 10.04
CA GLU A 161 -13.23 -1.09 10.83
C GLU A 161 -14.46 -1.67 10.15
N HIS A 162 -14.97 -1.02 9.11
CA HIS A 162 -16.13 -1.55 8.39
C HIS A 162 -15.79 -2.05 7.01
N GLY A 163 -14.49 -2.18 6.72
CA GLY A 163 -14.08 -2.91 5.54
C GLY A 163 -13.71 -2.10 4.31
N GLU A 164 -13.68 -0.78 4.43
CA GLU A 164 -13.22 0.04 3.32
C GLU A 164 -11.74 -0.25 3.16
N VAL A 165 -11.25 -0.22 1.92
CA VAL A 165 -9.87 -0.62 1.64
C VAL A 165 -9.08 0.51 0.99
N LYS A 166 -7.97 0.93 1.60
CA LYS A 166 -7.18 2.04 1.08
C LYS A 166 -5.67 1.76 0.99
N LEU A 167 -5.04 2.34 -0.02
CA LEU A 167 -3.59 2.30 -0.13
C LEU A 167 -2.96 3.26 0.85
N ALA A 168 -1.88 2.80 1.49
CA ALA A 168 -1.16 3.57 2.50
C ALA A 168 0.35 3.54 2.25
N ASP A 169 1.05 4.37 3.00
CA ASP A 169 2.52 4.47 3.00
C ASP A 169 3.06 4.85 1.64
N PHE A 170 3.08 6.17 1.42
CA PHE A 170 3.52 6.73 0.16
C PHE A 170 4.97 7.20 0.27
N GLY A 171 5.69 6.56 1.19
CA GLY A 171 7.07 6.91 1.46
C GLY A 171 8.04 6.85 0.29
N VAL A 172 7.76 6.02 -0.71
CA VAL A 172 8.63 5.95 -1.89
C VAL A 172 7.84 6.17 -3.18
N ALA A 173 6.66 6.76 -3.07
CA ALA A 173 5.85 7.03 -4.25
C ALA A 173 6.60 7.92 -5.23
N GLY A 174 6.41 7.66 -6.52
CA GLY A 174 7.08 8.42 -7.57
C GLY A 174 6.08 9.27 -8.33
N GLN A 175 6.59 10.32 -8.98
CA GLN A 175 5.73 11.19 -9.76
C GLN A 175 6.29 11.33 -11.18
N LEU A 176 5.45 11.05 -12.17
CA LEU A 176 5.82 11.29 -13.56
C LEU A 176 5.39 12.68 -13.99
N THR A 177 6.13 13.26 -14.93
CA THR A 177 5.82 14.61 -15.43
C THR A 177 5.97 14.63 -16.94
N ASP A 178 5.69 15.78 -17.55
CA ASP A 178 5.89 15.90 -18.99
C ASP A 178 7.37 15.68 -19.40
N THR A 179 8.32 16.10 -18.55
CA THR A 179 9.76 15.94 -18.85
C THR A 179 10.38 14.69 -18.24
N GLN A 180 9.68 14.07 -17.29
CA GLN A 180 10.13 12.79 -16.75
C GLN A 180 9.00 11.78 -16.89
N ILE A 181 9.04 11.01 -17.97
CA ILE A 181 7.98 10.07 -18.29
C ILE A 181 8.20 8.68 -17.69
N LYS A 182 9.39 8.46 -17.15
CA LYS A 182 9.73 7.19 -16.51
C LYS A 182 10.51 7.45 -15.23
N ARG A 183 10.50 6.52 -14.28
CA ARG A 183 11.43 6.59 -13.16
C ARG A 183 12.48 5.51 -13.31
N ASN A 184 13.53 5.56 -12.48
CA ASN A 184 14.49 4.45 -12.46
C ASN A 184 15.07 4.17 -11.07
N PHE A 186 15.80 2.65 -7.52
CA PHE A 186 15.70 1.39 -6.78
C PHE A 186 14.95 1.58 -5.44
N VAL A 187 13.64 1.37 -5.48
CA VAL A 187 12.82 1.47 -4.28
C VAL A 187 11.76 0.38 -4.25
N GLY A 188 11.26 0.10 -3.05
CA GLY A 188 10.19 -0.87 -2.88
C GLY A 188 10.61 -1.92 -1.86
N THR A 189 9.92 -3.06 -1.89
CA THR A 189 10.27 -4.18 -1.03
C THR A 189 10.61 -5.39 -1.92
N PRO A 190 11.86 -5.91 -1.82
CA PRO A 190 12.41 -6.90 -2.76
C PRO A 190 11.43 -8.00 -3.23
N PHE A 191 10.74 -8.70 -2.33
CA PHE A 191 9.85 -9.79 -2.77
C PHE A 191 8.79 -9.30 -3.78
N TRP A 192 8.40 -8.05 -3.66
CA TRP A 192 7.29 -7.50 -4.45
C TRP A 192 7.74 -6.65 -5.63
N MET A 193 9.05 -6.41 -5.74
CA MET A 193 9.60 -5.52 -6.77
C MET A 193 9.59 -6.13 -8.19
N ALA A 194 9.22 -5.29 -9.15
CA ALA A 194 9.23 -5.67 -10.56
C ALA A 194 10.67 -5.82 -11.05
N PRO A 195 10.91 -6.69 -12.05
CA PRO A 195 12.27 -6.93 -12.55
C PRO A 195 12.93 -5.65 -13.06
N GLU A 196 12.17 -4.78 -13.73
CA GLU A 196 12.75 -3.59 -14.33
C GLU A 196 13.17 -2.59 -13.26
N VAL A 197 12.51 -2.63 -12.10
CA VAL A 197 12.88 -1.79 -10.97
C VAL A 197 14.18 -2.28 -10.35
N ILE A 198 14.31 -3.60 -10.17
CA ILE A 198 15.55 -4.18 -9.63
C ILE A 198 16.71 -3.87 -10.57
N LYS A 199 16.45 -3.95 -11.86
CA LYS A 199 17.46 -3.63 -12.87
C LYS A 199 17.69 -2.11 -13.00
N GLN A 200 16.83 -1.35 -12.32
CA GLN A 200 16.82 0.12 -12.40
C GLN A 200 16.75 0.62 -13.84
N SER A 201 15.99 -0.12 -14.67
CA SER A 201 15.63 0.35 -15.99
C SER A 201 14.67 1.52 -15.87
N ALA A 202 14.34 2.13 -17.00
CA ALA A 202 13.28 3.13 -17.01
C ALA A 202 11.94 2.40 -16.86
N TYR A 203 11.16 2.78 -15.85
CA TYR A 203 9.89 2.11 -15.60
C TYR A 203 8.76 3.10 -15.28
N ASP A 204 7.52 2.61 -15.23
CA ASP A 204 6.39 3.47 -14.91
C ASP A 204 5.36 2.75 -14.04
N SER A 205 4.09 3.12 -14.19
CA SER A 205 3.01 2.54 -13.40
C SER A 205 2.92 1.03 -13.56
N LYS A 206 3.43 0.49 -14.67
CA LYS A 206 3.39 -0.96 -14.90
C LYS A 206 4.17 -1.72 -13.80
N ALA A 207 5.13 -1.05 -13.16
CA ALA A 207 5.81 -1.67 -12.01
C ALA A 207 4.82 -2.00 -10.87
N ASP A 208 3.90 -1.08 -10.58
CA ASP A 208 2.84 -1.34 -9.59
C ASP A 208 1.99 -2.56 -9.97
N ILE A 209 1.83 -2.81 -11.26
CA ILE A 209 0.99 -3.93 -11.70
C ILE A 209 1.70 -5.24 -11.42
N TRP A 210 3.02 -5.29 -11.61
CA TRP A 210 3.78 -6.47 -11.17
C TRP A 210 3.61 -6.66 -9.67
N SER A 211 3.81 -5.59 -8.89
CA SER A 211 3.67 -5.71 -7.44
C SER A 211 2.29 -6.18 -7.01
N LEU A 212 1.27 -5.75 -7.74
CA LEU A 212 -0.11 -6.19 -7.51
C LEU A 212 -0.24 -7.69 -7.70
N GLY A 213 0.42 -8.21 -8.74
CA GLY A 213 0.40 -9.64 -9.01
C GLY A 213 1.03 -10.43 -7.87
N ILE A 214 2.14 -9.93 -7.33
CA ILE A 214 2.77 -10.58 -6.18
C ILE A 214 1.85 -10.45 -4.97
N THR A 215 1.17 -9.32 -4.85
CA THR A 215 0.22 -9.11 -3.75
C THR A 215 -0.96 -10.07 -3.85
N ALA A 216 -1.39 -10.37 -5.07
CA ALA A 216 -2.44 -11.36 -5.29
C ALA A 216 -2.01 -12.74 -4.80
N ILE A 217 -0.77 -13.13 -5.09
CA ILE A 217 -0.25 -14.39 -4.61
C ILE A 217 -0.19 -14.36 -3.09
N GLU A 218 0.28 -13.23 -2.55
CA GLU A 218 0.37 -13.04 -1.11
C GLU A 218 -1.01 -13.17 -0.44
N LEU A 219 -2.04 -12.56 -1.02
CA LEU A 219 -3.40 -12.73 -0.50
C LEU A 219 -3.91 -14.16 -0.56
N ALA A 220 -3.51 -14.89 -1.61
CA ALA A 220 -3.99 -16.26 -1.83
C ALA A 220 -3.24 -17.31 -1.00
N ARG A 221 -1.93 -17.14 -0.91
CA ARG A 221 -1.03 -18.10 -0.29
C ARG A 221 -0.60 -17.68 1.11
N GLY A 222 -0.71 -16.39 1.41
CA GLY A 222 -0.32 -15.87 2.72
C GLY A 222 1.03 -15.20 2.72
N GLU A 223 1.82 -15.49 1.69
CA GLU A 223 3.21 -15.03 1.58
C GLU A 223 3.54 -14.85 0.11
N PRO A 224 4.47 -13.91 -0.22
CA PRO A 224 4.92 -13.75 -1.60
C PRO A 224 5.87 -14.86 -2.01
N PRO A 225 6.09 -15.06 -3.32
CA PRO A 225 7.08 -16.03 -3.78
C PRO A 225 8.44 -15.71 -3.16
N HIS A 226 9.22 -16.73 -2.86
CA HIS A 226 10.57 -16.62 -2.30
C HIS A 226 10.62 -16.11 -0.87
N SER A 227 9.53 -16.21 -0.12
CA SER A 227 9.43 -15.49 1.15
C SER A 227 10.43 -15.98 2.21
N GLU A 228 10.97 -17.17 2.01
CA GLU A 228 11.86 -17.74 3.01
C GLU A 228 13.34 -17.42 2.73
N LEU A 229 13.60 -16.78 1.59
CA LEU A 229 14.97 -16.49 1.21
C LEU A 229 15.40 -15.10 1.65
N HIS A 230 16.71 -14.90 1.77
CA HIS A 230 17.24 -13.59 2.06
C HIS A 230 16.90 -12.65 0.90
N PRO A 231 16.37 -11.46 1.21
CA PRO A 231 16.00 -10.45 0.22
C PRO A 231 17.07 -10.21 -0.85
N MET A 232 18.35 -10.36 -0.51
CA MET A 232 19.41 -10.11 -1.49
C MET A 232 19.43 -11.18 -2.57
N LYS A 233 19.13 -12.41 -2.17
CA LYS A 233 18.95 -13.50 -3.12
C LYS A 233 17.91 -13.17 -4.16
N VAL A 234 16.78 -12.62 -3.72
CA VAL A 234 15.68 -12.47 -4.67
C VAL A 234 16.03 -11.35 -5.66
N LEU A 235 16.97 -10.49 -5.28
CA LEU A 235 17.41 -9.45 -6.20
C LEU A 235 18.06 -10.02 -7.47
N PHE A 236 18.60 -11.23 -7.41
CA PHE A 236 19.00 -11.87 -8.67
C PHE A 236 17.95 -12.87 -9.17
N LEU A 237 17.25 -13.53 -8.25
CA LEU A 237 16.25 -14.51 -8.68
C LEU A 237 15.14 -13.88 -9.51
N ILE A 238 14.68 -12.69 -9.16
CA ILE A 238 13.51 -12.14 -9.84
C ILE A 238 13.80 -11.73 -11.30
N PRO A 239 14.92 -11.04 -11.57
CA PRO A 239 15.17 -10.78 -13.00
C PRO A 239 15.50 -12.04 -13.78
N LYS A 240 16.14 -13.02 -13.13
CA LYS A 240 16.58 -14.23 -13.80
C LYS A 240 15.43 -15.21 -14.11
N ASN A 241 14.67 -15.57 -13.10
CA ASN A 241 13.69 -16.62 -13.22
C ASN A 241 12.49 -16.21 -14.04
N ASN A 242 11.80 -17.22 -14.59
CA ASN A 242 10.48 -17.00 -15.14
C ASN A 242 9.62 -16.36 -14.07
N PRO A 243 8.61 -15.57 -14.47
CA PRO A 243 7.75 -14.95 -13.46
C PRO A 243 7.05 -16.00 -12.62
N PRO A 244 6.72 -15.66 -11.36
CA PRO A 244 5.96 -16.59 -10.51
C PRO A 244 4.61 -16.86 -11.11
N THR A 245 4.08 -18.04 -10.82
CA THR A 245 2.70 -18.34 -11.11
C THR A 245 2.02 -18.72 -9.81
N LEU A 246 0.71 -18.68 -9.79
CA LEU A 246 -0.03 -19.08 -8.61
C LEU A 246 -0.27 -20.57 -8.69
N GLU A 247 0.36 -21.31 -7.79
CA GLU A 247 0.24 -22.76 -7.77
C GLU A 247 -0.70 -23.20 -6.66
N GLY A 248 -1.44 -24.27 -6.91
CA GLY A 248 -2.36 -24.79 -5.91
C GLY A 248 -3.79 -24.84 -6.42
N ASN A 249 -4.71 -25.22 -5.55
CA ASN A 249 -6.10 -25.38 -5.96
C ASN A 249 -6.89 -24.07 -5.91
N TYR A 250 -6.58 -23.18 -6.85
CA TYR A 250 -7.28 -21.90 -6.96
C TYR A 250 -8.02 -21.85 -8.29
N SER A 251 -9.05 -21.02 -8.39
CA SER A 251 -9.81 -20.94 -9.63
C SER A 251 -8.94 -20.49 -10.80
N LYS A 252 -9.32 -20.91 -12.00
CA LYS A 252 -8.60 -20.54 -13.21
C LYS A 252 -8.54 -19.01 -13.41
N PRO A 253 -9.66 -18.29 -13.20
CA PRO A 253 -9.55 -16.83 -13.33
C PRO A 253 -8.55 -16.18 -12.36
N LEU A 254 -8.48 -16.64 -11.12
CA LEU A 254 -7.46 -16.13 -10.20
C LEU A 254 -6.04 -16.40 -10.73
N LYS A 255 -5.78 -17.63 -11.17
CA LYS A 255 -4.47 -17.95 -11.72
C LYS A 255 -4.14 -17.08 -12.94
N GLU A 256 -5.12 -16.88 -13.81
CA GLU A 256 -4.89 -16.06 -15.00
C GLU A 256 -4.70 -14.58 -14.64
N PHE A 257 -5.39 -14.12 -13.59
CA PHE A 257 -5.22 -12.74 -13.11
C PHE A 257 -3.77 -12.51 -12.69
N VAL A 258 -3.25 -13.41 -11.88
CA VAL A 258 -1.85 -13.34 -11.46
C VAL A 258 -0.90 -13.37 -12.66
N GLU A 259 -1.15 -14.30 -13.58
CA GLU A 259 -0.29 -14.46 -14.75
C GLU A 259 -0.25 -13.18 -15.60
N ALA A 260 -1.41 -12.56 -15.73
CA ALA A 260 -1.55 -11.32 -16.47
C ALA A 260 -0.65 -10.23 -15.90
N CYS A 261 -0.65 -10.11 -14.57
CA CYS A 261 0.18 -9.10 -13.90
C CYS A 261 1.66 -9.43 -14.01
N LEU A 262 1.99 -10.70 -13.88
CA LEU A 262 3.39 -11.09 -13.75
C LEU A 262 3.99 -11.43 -15.11
N ASN A 263 4.01 -10.44 -16.00
CA ASN A 263 4.72 -10.55 -17.26
C ASN A 263 6.06 -9.82 -17.13
N LYS A 264 7.16 -10.44 -17.57
CA LYS A 264 8.46 -9.79 -17.49
C LYS A 264 8.51 -8.53 -18.34
N GLU A 265 7.74 -8.49 -19.42
CA GLU A 265 7.72 -7.31 -20.26
C GLU A 265 6.62 -6.36 -19.76
N PRO A 266 7.00 -5.18 -19.24
CA PRO A 266 6.00 -4.28 -18.66
C PRO A 266 4.87 -3.87 -19.61
N SER A 267 5.15 -3.59 -20.87
CA SER A 267 4.09 -3.16 -21.78
C SER A 267 3.06 -4.28 -22.04
N PHE A 268 3.39 -5.51 -21.66
CA PHE A 268 2.43 -6.60 -21.83
C PHE A 268 1.53 -6.77 -20.60
N ARG A 269 1.83 -6.08 -19.50
CA ARG A 269 0.92 -6.13 -18.35
C ARG A 269 -0.26 -5.23 -18.61
N PRO A 270 -1.46 -5.62 -18.14
CA PRO A 270 -2.61 -4.75 -18.28
C PRO A 270 -2.54 -3.55 -17.36
N THR A 271 -3.34 -2.54 -17.64
CA THR A 271 -3.50 -1.41 -16.75
C THR A 271 -4.44 -1.78 -15.60
N ALA A 272 -4.47 -0.95 -14.56
CA ALA A 272 -5.42 -1.18 -13.45
C ALA A 272 -6.86 -1.13 -13.96
N LYS A 273 -7.15 -0.14 -14.81
CA LYS A 273 -8.46 -0.03 -15.45
C LYS A 273 -8.91 -1.34 -16.10
N GLU A 274 -7.99 -1.93 -16.86
CA GLU A 274 -8.27 -3.17 -17.57
C GLU A 274 -8.50 -4.32 -16.59
N LEU A 275 -7.70 -4.38 -15.53
CA LEU A 275 -7.82 -5.46 -14.55
C LEU A 275 -9.12 -5.41 -13.78
N LEU A 276 -9.71 -4.22 -13.69
CA LEU A 276 -10.99 -4.07 -13.02
C LEU A 276 -12.11 -4.77 -13.79
N LYS A 277 -11.86 -5.12 -15.04
CA LYS A 277 -12.82 -5.88 -15.83
C LYS A 277 -12.44 -7.35 -15.98
N HIS A 278 -11.38 -7.76 -15.28
CA HIS A 278 -10.98 -9.15 -15.32
C HIS A 278 -12.06 -10.07 -14.75
N LYS A 279 -12.20 -11.22 -15.36
CA LYS A 279 -13.14 -12.24 -14.95
C LYS A 279 -13.06 -12.56 -13.45
N PHE A 280 -11.85 -12.64 -12.92
CA PHE A 280 -11.71 -12.99 -11.51
C PHE A 280 -12.35 -11.93 -10.65
N ILE A 281 -12.14 -10.67 -10.99
CA ILE A 281 -12.71 -9.57 -10.21
C ILE A 281 -14.23 -9.56 -10.35
N LEU A 282 -14.71 -9.66 -11.59
CA LEU A 282 -16.16 -9.53 -11.86
C LEU A 282 -16.93 -10.68 -11.24
N ARG A 283 -16.39 -11.88 -11.34
CA ARG A 283 -17.10 -13.05 -10.84
C ARG A 283 -17.09 -13.17 -9.32
N ASN A 284 -16.09 -12.58 -8.66
CA ASN A 284 -15.91 -12.88 -7.23
C ASN A 284 -15.96 -11.73 -6.25
N ALA A 285 -15.71 -10.50 -6.69
CA ALA A 285 -15.67 -9.38 -5.75
C ALA A 285 -17.08 -9.07 -5.26
N LYS A 286 -17.23 -8.82 -3.97
CA LYS A 286 -18.53 -8.47 -3.41
C LYS A 286 -18.41 -7.22 -2.56
N LYS A 287 -19.46 -6.87 -1.82
CA LYS A 287 -19.45 -5.66 -0.99
C LYS A 287 -18.30 -5.62 -0.01
N THR A 288 -17.64 -4.46 0.10
CA THR A 288 -16.53 -4.31 1.05
C THR A 288 -16.99 -4.56 2.51
N SER A 289 -18.27 -4.31 2.81
CA SER A 289 -18.75 -4.47 4.19
C SER A 289 -18.60 -5.90 4.67
N TYR A 290 -18.67 -6.87 3.75
CA TYR A 290 -18.45 -8.27 4.10
C TYR A 290 -17.06 -8.51 4.70
N LEU A 291 -16.11 -7.64 4.41
CA LEU A 291 -14.76 -7.78 4.93
C LEU A 291 -14.67 -7.54 6.46
N THR A 292 -15.74 -7.03 7.07
CA THR A 292 -15.77 -6.91 8.53
C THR A 292 -15.63 -8.29 9.20
N GLU A 293 -16.06 -9.33 8.49
CA GLU A 293 -15.89 -10.71 8.97
C GLU A 293 -14.40 -11.04 9.20
N LEU A 294 -13.57 -10.57 8.28
CA LEU A 294 -12.12 -10.73 8.40
C LEU A 294 -11.53 -9.89 9.52
N ILE A 295 -12.03 -8.67 9.62
CA ILE A 295 -11.59 -7.74 10.64
C ILE A 295 -11.92 -8.33 12.02
N ASP A 296 -13.14 -8.85 12.17
CA ASP A 296 -13.54 -9.53 13.40
C ASP A 296 -12.70 -10.78 13.67
N ARG A 297 -12.40 -11.54 12.62
CA ARG A 297 -11.54 -12.72 12.78
C ARG A 297 -10.18 -12.37 13.35
N TYR A 298 -9.59 -11.29 12.83
CA TYR A 298 -8.31 -10.84 13.37
C TYR A 298 -8.40 -10.38 14.82
N LYS A 299 -9.44 -9.61 15.17
CA LYS A 299 -9.55 -9.10 16.53
C LYS A 299 -9.66 -10.26 17.52
N ARG A 300 -10.49 -11.22 17.18
CA ARG A 300 -10.65 -12.46 17.94
C ARG A 300 -9.32 -13.19 18.11
N TRP A 301 -8.64 -13.41 16.99
CA TRP A 301 -7.36 -14.09 16.95
C TRP A 301 -6.31 -13.38 17.79
N LYS A 302 -6.19 -12.07 17.57
CA LYS A 302 -5.23 -11.24 18.27
C LYS A 302 -5.47 -11.24 19.78
N ALA A 303 -6.74 -11.24 20.16
CA ALA A 303 -7.11 -11.22 21.58
C ALA A 303 -6.74 -12.53 22.30
N GLU A 304 -6.78 -13.66 21.61
CA GLU A 304 -6.48 -14.92 22.29
C GLU A 304 -5.06 -15.38 22.05
N GLN A 305 -4.33 -14.66 21.19
CA GLN A 305 -2.92 -14.93 20.99
C GLN A 305 -2.15 -14.85 22.30
N SER A 306 -1.32 -15.86 22.57
CA SER A 306 -0.56 -15.91 23.82
C SER A 306 0.72 -15.09 23.74
#